data_1MRN
#
_entry.id   1MRN
#
_cell.length_a   75.460
_cell.length_b   75.460
_cell.length_c   133.340
_cell.angle_alpha   90.00
_cell.angle_beta   90.00
_cell.angle_gamma   120.00
#
_symmetry.space_group_name_H-M   'P 65 2 2'
#
loop_
_entity.id
_entity.type
_entity.pdbx_description
1 polymer 'Thymidylate Kinase'
2 non-polymer 'SULFATE ION'
3 non-polymer 'MAGNESIUM ION'
4 non-polymer "P1-(5'-ADENOSYL)P5-(5'-THYMIDYL)PENTAPHOSPHATE"
5 water water
#
_entity_poly.entity_id   1
_entity_poly.type   'polypeptide(L)'
_entity_poly.pdbx_seq_one_letter_code
;MLIAIEGVDGAGKRTLVEKLSGAFRAAGRSVATLAFPRYGQSVAADIAAEALHGEHGDLASSVYAMATLFALDRAGAVHT
IQGLCRGYDVVILDRYVASNAAYSAARLHENAAGKAAAWVQRIEFARLGLPKPDWQVLLAVSAELAGERSRGRAQRDPGR
ARDNYERDAELQQRTGAVYAELAAQGWGGRWLVVGADVDPGRLAATLAPPDVPS
;
_entity_poly.pdbx_strand_id   A
#
loop_
_chem_comp.id
_chem_comp.type
_chem_comp.name
_chem_comp.formula
MG non-polymer 'MAGNESIUM ION' 'Mg 2'
SO4 non-polymer 'SULFATE ION' 'O4 S -2'
T5A non-polymer P1-(5'-ADENOSYL)P5-(5'-THYMIDYL)PENTAPHOSPHATE 'C20 H30 N7 O23 P5'
#
# COMPACT_ATOMS: atom_id res chain seq x y z
N MET A 1 -11.21 10.86 9.38
CA MET A 1 -11.37 9.76 8.38
C MET A 1 -10.02 9.18 7.97
N LEU A 2 -9.95 7.86 7.87
CA LEU A 2 -8.71 7.18 7.48
C LEU A 2 -8.84 6.55 6.09
N ILE A 3 -8.07 7.08 5.16
CA ILE A 3 -8.08 6.62 3.77
C ILE A 3 -6.72 5.99 3.45
N ALA A 4 -6.72 4.91 2.70
CA ALA A 4 -5.50 4.24 2.31
C ALA A 4 -5.48 4.10 0.80
N ILE A 5 -4.38 4.49 0.17
CA ILE A 5 -4.32 4.35 -1.27
C ILE A 5 -3.55 3.08 -1.56
N GLU A 6 -4.10 2.22 -2.42
CA GLU A 6 -3.46 0.94 -2.71
C GLU A 6 -3.18 0.75 -4.19
N GLY A 7 -2.34 -0.23 -4.50
CA GLY A 7 -2.02 -0.49 -5.89
C GLY A 7 -0.61 -1.00 -6.13
N VAL A 8 -0.42 -1.65 -7.27
CA VAL A 8 0.87 -2.20 -7.67
C VAL A 8 1.95 -1.14 -7.74
N ASP A 9 3.18 -1.57 -7.98
CA ASP A 9 4.29 -0.66 -8.06
C ASP A 9 4.26 0.14 -9.35
N GLY A 10 4.57 1.43 -9.25
CA GLY A 10 4.57 2.29 -10.42
C GLY A 10 3.17 2.57 -10.92
N ALA A 11 2.20 2.48 -10.02
CA ALA A 11 0.81 2.72 -10.36
C ALA A 11 0.46 4.21 -10.30
N GLY A 12 1.18 4.97 -9.49
CA GLY A 12 0.91 6.39 -9.36
C GLY A 12 0.32 6.78 -8.01
N LYS A 13 0.44 5.89 -7.04
CA LYS A 13 -0.08 6.15 -5.71
C LYS A 13 0.52 7.41 -5.11
N ARG A 14 1.85 7.46 -5.00
CA ARG A 14 2.54 8.61 -4.44
C ARG A 14 1.97 9.95 -4.95
N THR A 15 1.74 10.02 -6.26
CA THR A 15 1.19 11.22 -6.87
C THR A 15 -0.30 11.41 -6.56
N LEU A 16 -1.09 10.35 -6.68
CA LEU A 16 -2.50 10.45 -6.37
C LEU A 16 -2.63 10.96 -4.94
N VAL A 17 -1.79 10.44 -4.06
CA VAL A 17 -1.81 10.86 -2.68
C VAL A 17 -1.53 12.36 -2.60
N GLU A 18 -0.84 12.90 -3.61
CA GLU A 18 -0.52 14.32 -3.65
C GLU A 18 -1.70 15.13 -4.18
N LYS A 19 -2.22 14.74 -5.34
CA LYS A 19 -3.35 15.43 -5.96
C LYS A 19 -4.62 15.33 -5.10
N LEU A 20 -4.73 14.29 -4.28
CA LEU A 20 -5.89 14.12 -3.42
C LEU A 20 -5.69 14.89 -2.11
N SER A 21 -4.45 14.94 -1.64
CA SER A 21 -4.09 15.65 -0.42
C SER A 21 -4.37 17.14 -0.61
N GLY A 22 -4.38 17.58 -1.86
CA GLY A 22 -4.63 18.96 -2.17
C GLY A 22 -6.10 19.24 -2.44
N ALA A 23 -6.79 18.22 -2.93
CA ALA A 23 -8.21 18.34 -3.24
C ALA A 23 -9.05 18.53 -1.98
N PHE A 24 -8.65 17.88 -0.89
CA PHE A 24 -9.37 17.99 0.37
C PHE A 24 -9.05 19.33 1.01
N ARG A 25 -7.81 19.76 0.84
CA ARG A 25 -7.35 21.03 1.42
C ARG A 25 -8.09 22.21 0.83
N ALA A 26 -8.58 22.03 -0.38
CA ALA A 26 -9.34 23.05 -1.06
C ALA A 26 -10.77 22.92 -0.55
N ALA A 27 -10.92 22.31 0.63
CA ALA A 27 -12.24 22.10 1.23
C ALA A 27 -12.27 22.31 2.74
N GLY A 28 -11.35 23.13 3.24
CA GLY A 28 -11.32 23.43 4.65
C GLY A 28 -10.93 22.28 5.56
N ARG A 29 -10.96 21.06 5.07
CA ARG A 29 -10.58 19.92 5.92
C ARG A 29 -9.09 19.75 5.88
N SER A 30 -8.49 19.69 7.06
CA SER A 30 -7.06 19.49 7.18
C SER A 30 -6.78 18.05 6.74
N VAL A 31 -5.61 17.83 6.12
CA VAL A 31 -5.22 16.51 5.65
C VAL A 31 -3.85 16.12 6.19
N ALA A 32 -3.64 14.82 6.36
CA ALA A 32 -2.36 14.29 6.84
C ALA A 32 -1.98 13.04 6.06
N THR A 33 -0.69 12.83 5.87
CA THR A 33 -0.22 11.66 5.13
C THR A 33 0.86 10.91 5.87
N LEU A 34 1.04 9.67 5.46
CA LEU A 34 2.04 8.78 6.02
C LEU A 34 2.19 7.71 4.94
N ALA A 35 3.42 7.35 4.62
CA ALA A 35 3.61 6.35 3.60
C ALA A 35 4.28 5.12 4.20
N PHE A 36 3.80 3.95 3.82
CA PHE A 36 4.38 2.71 4.30
C PHE A 36 5.05 2.07 3.11
N PRO A 37 6.23 1.46 3.31
CA PRO A 37 6.95 1.34 4.58
C PRO A 37 7.54 2.65 5.08
N ARG A 38 7.66 2.76 6.40
CA ARG A 38 8.21 3.97 6.99
C ARG A 38 9.74 3.88 7.06
N TYR A 39 10.37 4.10 5.92
CA TYR A 39 11.82 4.04 5.82
C TYR A 39 12.48 5.08 6.72
N GLY A 40 13.48 4.64 7.46
CA GLY A 40 14.18 5.53 8.36
C GLY A 40 13.57 5.57 9.75
N GLN A 41 12.26 5.39 9.84
CA GLN A 41 11.56 5.40 11.12
C GLN A 41 11.42 3.99 11.66
N SER A 42 11.30 3.03 10.76
CA SER A 42 11.16 1.63 11.14
C SER A 42 12.34 0.79 10.66
N VAL A 43 13.07 0.20 11.59
CA VAL A 43 14.20 -0.64 11.23
C VAL A 43 13.69 -1.80 10.41
N ALA A 44 12.55 -2.34 10.81
CA ALA A 44 11.93 -3.46 10.12
C ALA A 44 11.60 -3.09 8.67
N ALA A 45 11.22 -1.84 8.45
CA ALA A 45 10.87 -1.36 7.11
C ALA A 45 12.14 -1.29 6.28
N ASP A 46 13.21 -0.87 6.92
CA ASP A 46 14.49 -0.73 6.25
C ASP A 46 15.09 -2.10 5.96
N ILE A 47 14.99 -3.01 6.93
CA ILE A 47 15.50 -4.35 6.75
C ILE A 47 14.69 -5.08 5.67
N ALA A 48 13.41 -4.75 5.58
CA ALA A 48 12.56 -5.38 4.57
C ALA A 48 12.97 -5.00 3.16
N ALA A 49 13.20 -3.71 2.93
CA ALA A 49 13.57 -3.21 1.60
C ALA A 49 15.00 -3.56 1.22
N GLU A 50 15.90 -3.48 2.18
CA GLU A 50 17.28 -3.80 1.89
C GLU A 50 17.32 -5.25 1.46
N ALA A 51 16.46 -6.07 2.09
CA ALA A 51 16.37 -7.48 1.75
C ALA A 51 15.82 -7.58 0.32
N LEU A 52 14.84 -6.75 0.00
CA LEU A 52 14.27 -6.75 -1.35
C LEU A 52 15.33 -6.29 -2.34
N HIS A 53 16.37 -5.65 -1.84
CA HIS A 53 17.46 -5.18 -2.70
C HIS A 53 18.64 -6.14 -2.66
N GLY A 54 18.39 -7.38 -2.20
CA GLY A 54 19.44 -8.39 -2.15
C GLY A 54 20.21 -8.59 -0.86
N GLU A 55 19.77 -7.99 0.24
CA GLU A 55 20.50 -8.15 1.47
C GLU A 55 19.84 -9.04 2.51
N HIS A 56 20.60 -9.25 3.58
CA HIS A 56 20.17 -10.04 4.75
C HIS A 56 19.83 -11.50 4.46
N GLY A 57 20.83 -12.23 3.97
CA GLY A 57 20.69 -13.65 3.67
C GLY A 57 19.45 -14.10 2.93
N ASP A 58 18.81 -15.12 3.51
CA ASP A 58 17.60 -15.71 2.93
C ASP A 58 16.32 -15.02 3.37
N LEU A 59 16.42 -13.82 3.94
CA LEU A 59 15.24 -13.10 4.44
C LEU A 59 14.07 -12.96 3.46
N ALA A 60 14.31 -12.27 2.36
CA ALA A 60 13.27 -12.02 1.35
C ALA A 60 12.65 -13.27 0.75
N SER A 61 13.33 -14.40 0.84
CA SER A 61 12.80 -15.64 0.27
C SER A 61 11.61 -16.17 1.05
N SER A 62 11.32 -15.59 2.21
CA SER A 62 10.19 -16.01 3.03
C SER A 62 9.06 -15.01 2.96
N VAL A 63 8.00 -15.36 2.23
CA VAL A 63 6.84 -14.50 2.05
C VAL A 63 6.28 -13.96 3.39
N TYR A 64 6.22 -14.83 4.39
CA TYR A 64 5.67 -14.44 5.69
C TYR A 64 6.59 -13.57 6.51
N ALA A 65 7.90 -13.74 6.31
CA ALA A 65 8.88 -12.94 7.03
C ALA A 65 8.78 -11.50 6.52
N MET A 66 8.78 -11.37 5.19
CA MET A 66 8.67 -10.07 4.57
C MET A 66 7.34 -9.45 5.00
N ALA A 67 6.30 -10.25 5.09
CA ALA A 67 5.00 -9.72 5.52
C ALA A 67 5.09 -9.22 6.97
N THR A 68 5.68 -10.05 7.84
CA THR A 68 5.83 -9.69 9.24
C THR A 68 6.56 -8.34 9.41
N LEU A 69 7.66 -8.15 8.68
CA LEU A 69 8.39 -6.89 8.80
C LEU A 69 7.50 -5.70 8.46
N PHE A 70 6.65 -5.83 7.43
CA PHE A 70 5.76 -4.74 7.06
C PHE A 70 4.65 -4.55 8.06
N ALA A 71 4.37 -5.60 8.83
CA ALA A 71 3.35 -5.54 9.86
C ALA A 71 3.98 -4.88 11.08
N LEU A 72 5.17 -5.34 11.46
CA LEU A 72 5.88 -4.80 12.63
C LEU A 72 6.15 -3.31 12.48
N ASP A 73 6.30 -2.87 11.22
CA ASP A 73 6.54 -1.46 10.92
C ASP A 73 5.30 -0.70 11.34
N ARG A 74 4.17 -1.08 10.75
CA ARG A 74 2.90 -0.46 11.06
C ARG A 74 2.57 -0.58 12.54
N ALA A 75 2.91 -1.71 13.16
CA ALA A 75 2.63 -1.89 14.58
C ALA A 75 3.23 -0.73 15.34
N GLY A 76 4.47 -0.41 15.02
CA GLY A 76 5.13 0.70 15.67
C GLY A 76 4.52 2.01 15.23
N ALA A 77 3.55 1.95 14.33
CA ALA A 77 2.90 3.14 13.84
C ALA A 77 1.45 3.26 14.31
N VAL A 78 1.05 2.51 15.32
CA VAL A 78 -0.33 2.57 15.80
C VAL A 78 -0.70 3.86 16.54
N HIS A 79 0.10 4.24 17.54
CA HIS A 79 -0.21 5.45 18.28
C HIS A 79 -0.17 6.66 17.35
N THR A 80 0.80 6.64 16.42
CA THR A 80 0.97 7.70 15.45
C THR A 80 -0.25 7.83 14.55
N ILE A 81 -0.74 6.72 14.02
CA ILE A 81 -1.92 6.75 13.14
C ILE A 81 -3.10 7.33 13.92
N GLN A 82 -3.41 6.70 15.03
CA GLN A 82 -4.52 7.15 15.87
C GLN A 82 -4.39 8.64 16.17
N GLY A 83 -3.20 9.07 16.58
CA GLY A 83 -2.99 10.48 16.86
C GLY A 83 -3.43 11.30 15.66
N LEU A 84 -2.95 10.92 14.49
CA LEU A 84 -3.29 11.62 13.25
C LEU A 84 -4.79 11.67 13.01
N CYS A 85 -5.49 10.56 13.28
CA CYS A 85 -6.95 10.47 13.11
C CYS A 85 -7.67 11.42 14.06
N ARG A 86 -7.12 11.58 15.26
CA ARG A 86 -7.70 12.47 16.26
C ARG A 86 -7.49 13.93 15.87
N GLY A 87 -6.22 14.27 15.60
CA GLY A 87 -5.87 15.62 15.23
C GLY A 87 -6.46 16.14 13.93
N TYR A 88 -6.06 15.56 12.80
CA TYR A 88 -6.53 16.00 11.48
C TYR A 88 -7.89 15.47 11.06
N ASP A 89 -8.48 16.14 10.09
CA ASP A 89 -9.79 15.79 9.57
C ASP A 89 -9.71 14.64 8.57
N VAL A 90 -8.60 14.56 7.86
CA VAL A 90 -8.39 13.50 6.87
C VAL A 90 -6.96 12.97 6.96
N VAL A 91 -6.82 11.65 6.78
CA VAL A 91 -5.52 11.02 6.83
C VAL A 91 -5.39 10.10 5.62
N ILE A 92 -4.39 10.34 4.79
CA ILE A 92 -4.23 9.49 3.62
C ILE A 92 -2.97 8.65 3.76
N LEU A 93 -3.10 7.35 3.45
CA LEU A 93 -1.96 6.43 3.56
C LEU A 93 -1.53 5.90 2.22
N ASP A 94 -0.23 6.05 1.96
CA ASP A 94 0.35 5.58 0.70
C ASP A 94 0.72 4.14 1.02
N ARG A 95 -0.20 3.21 0.74
CA ARG A 95 -0.04 1.78 1.05
C ARG A 95 -0.40 1.54 2.52
N TYR A 96 -1.11 0.44 2.78
CA TYR A 96 -1.49 0.09 4.15
C TYR A 96 -1.51 -1.44 4.34
N VAL A 97 -2.40 -1.93 5.20
CA VAL A 97 -2.44 -3.36 5.44
C VAL A 97 -2.80 -4.17 4.17
N ALA A 98 -3.74 -3.68 3.38
CA ALA A 98 -4.12 -4.38 2.16
C ALA A 98 -2.91 -4.75 1.30
N SER A 99 -1.83 -3.98 1.39
CA SER A 99 -0.64 -4.26 0.58
C SER A 99 -0.02 -5.62 0.96
N ASN A 100 0.05 -5.89 2.25
CA ASN A 100 0.59 -7.16 2.73
C ASN A 100 -0.23 -8.36 2.21
N ALA A 101 -1.55 -8.19 2.15
CA ALA A 101 -2.45 -9.21 1.67
C ALA A 101 -2.25 -9.44 0.18
N ALA A 102 -2.29 -8.36 -0.58
CA ALA A 102 -2.14 -8.40 -2.04
C ALA A 102 -0.80 -9.01 -2.50
N TYR A 103 0.31 -8.51 -1.96
CA TYR A 103 1.62 -9.03 -2.34
C TYR A 103 1.93 -10.43 -1.82
N SER A 104 1.61 -10.68 -0.56
CA SER A 104 1.85 -12.00 0.04
C SER A 104 1.05 -13.04 -0.74
N ALA A 105 -0.24 -12.75 -0.95
CA ALA A 105 -1.10 -13.67 -1.68
C ALA A 105 -0.54 -13.91 -3.09
N ALA A 106 -0.19 -12.82 -3.78
CA ALA A 106 0.34 -12.92 -5.13
C ALA A 106 1.65 -13.72 -5.20
N ARG A 107 2.49 -13.58 -4.19
CA ARG A 107 3.77 -14.32 -4.14
C ARG A 107 3.52 -15.80 -4.02
N LEU A 108 2.41 -16.17 -3.39
CA LEU A 108 2.06 -17.57 -3.16
C LEU A 108 1.04 -18.07 -4.19
N HIS A 109 0.78 -17.28 -5.21
CA HIS A 109 -0.18 -17.68 -6.23
C HIS A 109 -1.47 -18.10 -5.55
N GLU A 110 -1.92 -17.26 -4.63
CA GLU A 110 -3.16 -17.51 -3.92
C GLU A 110 -4.07 -16.42 -4.43
N ASN A 111 -5.34 -16.50 -4.08
CA ASN A 111 -6.30 -15.47 -4.47
C ASN A 111 -6.66 -14.70 -3.20
N ALA A 112 -7.40 -13.61 -3.35
CA ALA A 112 -7.79 -12.79 -2.21
C ALA A 112 -8.42 -13.59 -1.06
N ALA A 113 -9.14 -14.64 -1.40
CA ALA A 113 -9.79 -15.46 -0.37
C ALA A 113 -8.83 -16.48 0.26
N GLY A 114 -7.57 -16.46 -0.19
CA GLY A 114 -6.56 -17.39 0.31
C GLY A 114 -6.15 -17.29 1.77
N LYS A 115 -5.13 -18.05 2.15
CA LYS A 115 -4.64 -18.08 3.52
C LYS A 115 -3.76 -16.91 3.94
N ALA A 116 -2.92 -16.42 3.03
CA ALA A 116 -2.03 -15.30 3.34
C ALA A 116 -2.84 -14.05 3.65
N ALA A 117 -3.85 -13.78 2.82
CA ALA A 117 -4.71 -12.62 3.02
C ALA A 117 -5.43 -12.73 4.35
N ALA A 118 -5.96 -13.91 4.66
CA ALA A 118 -6.66 -14.14 5.92
C ALA A 118 -5.67 -13.97 7.05
N TRP A 119 -4.43 -14.40 6.82
CA TRP A 119 -3.39 -14.28 7.83
C TRP A 119 -3.08 -12.80 8.14
N VAL A 120 -3.03 -11.95 7.10
CA VAL A 120 -2.76 -10.52 7.29
C VAL A 120 -3.91 -9.87 8.07
N GLN A 121 -5.13 -10.31 7.81
CA GLN A 121 -6.33 -9.82 8.52
C GLN A 121 -6.17 -10.10 10.00
N ARG A 122 -5.86 -11.35 10.33
CA ARG A 122 -5.70 -11.81 11.72
C ARG A 122 -4.59 -11.14 12.51
N ILE A 123 -3.43 -10.99 11.91
CA ILE A 123 -2.30 -10.38 12.59
C ILE A 123 -2.37 -8.85 12.70
N GLU A 124 -2.69 -8.18 11.60
CA GLU A 124 -2.71 -6.72 11.64
C GLU A 124 -3.92 -6.04 12.27
N PHE A 125 -5.12 -6.33 11.80
CA PHE A 125 -6.28 -5.68 12.39
C PHE A 125 -6.59 -6.27 13.75
N ALA A 126 -6.85 -7.57 13.77
CA ALA A 126 -7.17 -8.25 15.01
C ALA A 126 -6.08 -8.22 16.07
N ARG A 127 -4.92 -8.79 15.77
CA ARG A 127 -3.81 -8.87 16.74
C ARG A 127 -3.02 -7.61 17.05
N LEU A 128 -2.54 -6.90 16.02
CA LEU A 128 -1.79 -5.67 16.25
C LEU A 128 -2.74 -4.51 16.46
N GLY A 129 -4.01 -4.76 16.24
CA GLY A 129 -4.99 -3.70 16.44
C GLY A 129 -4.78 -2.45 15.61
N LEU A 130 -4.38 -2.61 14.34
CA LEU A 130 -4.20 -1.48 13.43
C LEU A 130 -5.61 -1.09 12.96
N PRO A 131 -5.94 0.20 13.03
CA PRO A 131 -7.26 0.69 12.62
C PRO A 131 -7.61 0.38 11.17
N LYS A 132 -8.85 -0.03 10.93
CA LYS A 132 -9.27 -0.33 9.57
C LYS A 132 -9.63 0.98 8.88
N PRO A 133 -9.19 1.15 7.62
CA PRO A 133 -9.48 2.36 6.85
C PRO A 133 -10.94 2.49 6.43
N ASP A 134 -11.44 3.72 6.56
CA ASP A 134 -12.81 4.02 6.19
C ASP A 134 -12.89 3.77 4.69
N TRP A 135 -11.78 4.02 4.01
CA TRP A 135 -11.72 3.82 2.56
C TRP A 135 -10.39 3.26 2.06
N GLN A 136 -10.46 2.49 0.99
CA GLN A 136 -9.28 1.94 0.36
C GLN A 136 -9.42 2.15 -1.14
N VAL A 137 -8.67 3.11 -1.67
CA VAL A 137 -8.73 3.40 -3.10
C VAL A 137 -7.76 2.55 -3.90
N LEU A 138 -8.28 1.67 -4.73
CA LEU A 138 -7.44 0.82 -5.56
C LEU A 138 -7.15 1.48 -6.91
N LEU A 139 -6.05 2.21 -6.98
CA LEU A 139 -5.63 2.86 -8.21
C LEU A 139 -5.20 1.77 -9.19
N ALA A 140 -6.16 1.24 -9.93
CA ALA A 140 -5.89 0.17 -10.89
C ALA A 140 -5.26 0.63 -12.21
N VAL A 141 -4.11 0.05 -12.54
CA VAL A 141 -3.42 0.39 -13.79
C VAL A 141 -2.81 -0.89 -14.33
N SER A 142 -2.99 -1.14 -15.62
CA SER A 142 -2.43 -2.33 -16.26
C SER A 142 -1.01 -2.63 -15.76
N ALA A 143 -0.73 -3.92 -15.55
CA ALA A 143 0.57 -4.36 -15.07
C ALA A 143 1.71 -3.97 -16.02
N GLU A 144 1.38 -3.87 -17.31
CA GLU A 144 2.37 -3.51 -18.32
C GLU A 144 2.72 -2.03 -18.19
N LEU A 145 1.71 -1.17 -18.16
CA LEU A 145 1.95 0.27 -18.02
C LEU A 145 2.63 0.58 -16.68
N ALA A 146 2.16 -0.06 -15.62
CA ALA A 146 2.74 0.15 -14.29
C ALA A 146 4.22 -0.24 -14.28
N GLY A 147 4.54 -1.36 -14.91
CA GLY A 147 5.93 -1.80 -14.95
C GLY A 147 6.80 -0.74 -15.64
N GLU A 148 6.22 -0.05 -16.62
CA GLU A 148 6.94 0.97 -17.37
C GLU A 148 7.35 2.12 -16.44
N ARG A 149 6.47 2.51 -15.52
CA ARG A 149 6.79 3.59 -14.59
C ARG A 149 7.88 3.15 -13.63
N SER A 150 7.85 1.90 -13.20
CA SER A 150 8.87 1.37 -12.30
C SER A 150 10.24 1.35 -12.97
N ARG A 151 10.27 0.92 -14.23
CA ARG A 151 11.52 0.87 -14.99
C ARG A 151 12.04 2.27 -15.26
N GLY A 152 11.15 3.16 -15.69
CA GLY A 152 11.55 4.53 -15.97
C GLY A 152 12.09 5.20 -14.72
N ARG A 153 11.41 4.94 -13.59
CA ARG A 153 11.80 5.51 -12.31
C ARG A 153 13.24 5.11 -11.95
N ALA A 154 13.54 3.82 -12.05
CA ALA A 154 14.88 3.31 -11.75
C ALA A 154 15.91 3.89 -12.70
N GLN A 155 15.51 4.09 -13.96
CA GLN A 155 16.41 4.66 -14.97
C GLN A 155 16.68 6.16 -14.80
N ARG A 156 15.66 6.92 -14.39
CA ARG A 156 15.81 8.37 -14.20
C ARG A 156 16.53 8.77 -12.92
N ASP A 157 16.72 7.82 -12.01
CA ASP A 157 17.38 8.13 -10.73
C ASP A 157 18.62 7.28 -10.49
N PRO A 158 19.79 7.93 -10.41
CA PRO A 158 21.11 7.30 -10.18
C PRO A 158 21.21 6.40 -8.94
N GLY A 159 20.81 6.93 -7.79
CA GLY A 159 20.84 6.11 -6.59
C GLY A 159 19.45 5.55 -6.44
N ARG A 160 19.15 4.51 -7.22
CA ARG A 160 17.83 3.92 -7.21
C ARG A 160 17.86 2.60 -7.98
N ALA A 161 16.76 1.84 -7.92
CA ALA A 161 16.70 0.57 -8.61
C ALA A 161 15.45 -0.16 -8.21
N ARG A 162 14.86 -0.87 -9.15
CA ARG A 162 13.68 -1.67 -8.87
C ARG A 162 14.13 -2.75 -7.88
N ASP A 163 13.20 -3.30 -7.11
CA ASP A 163 13.57 -4.34 -6.15
C ASP A 163 13.05 -5.66 -6.66
N ASN A 164 13.22 -6.71 -5.87
CA ASN A 164 12.78 -8.05 -6.24
C ASN A 164 11.35 -8.13 -6.67
N TYR A 165 10.48 -7.35 -6.05
CA TYR A 165 9.06 -7.37 -6.41
C TYR A 165 8.79 -6.64 -7.73
N GLU A 166 9.43 -5.49 -7.90
CA GLU A 166 9.24 -4.68 -9.11
C GLU A 166 9.87 -5.33 -10.35
N ARG A 167 10.87 -6.19 -10.15
CA ARG A 167 11.52 -6.85 -11.28
C ARG A 167 10.70 -8.05 -11.70
N ASP A 168 9.89 -8.55 -10.78
CA ASP A 168 9.04 -9.70 -11.04
C ASP A 168 7.70 -9.26 -11.62
N ALA A 169 7.62 -9.24 -12.95
CA ALA A 169 6.40 -8.83 -13.65
C ALA A 169 5.20 -9.73 -13.38
N GLU A 170 5.40 -11.04 -13.39
CA GLU A 170 4.31 -11.96 -13.13
C GLU A 170 3.76 -11.72 -11.73
N LEU A 171 4.63 -11.33 -10.82
CA LEU A 171 4.19 -11.04 -9.45
C LEU A 171 3.31 -9.81 -9.46
N GLN A 172 3.75 -8.79 -10.20
CA GLN A 172 2.99 -7.54 -10.33
C GLN A 172 1.59 -7.78 -10.89
N GLN A 173 1.49 -8.66 -11.89
CA GLN A 173 0.23 -9.01 -12.55
C GLN A 173 -0.72 -9.74 -11.60
N ARG A 174 -0.20 -10.71 -10.86
CA ARG A 174 -1.02 -11.48 -9.91
C ARG A 174 -1.48 -10.62 -8.74
N THR A 175 -0.67 -9.61 -8.39
CA THR A 175 -0.99 -8.72 -7.27
C THR A 175 -2.14 -7.83 -7.74
N GLY A 176 -2.03 -7.38 -8.99
CA GLY A 176 -3.09 -6.55 -9.55
C GLY A 176 -4.38 -7.33 -9.48
N ALA A 177 -4.31 -8.60 -9.86
CA ALA A 177 -5.48 -9.47 -9.85
C ALA A 177 -6.07 -9.62 -8.45
N VAL A 178 -5.21 -9.87 -7.47
CA VAL A 178 -5.67 -10.04 -6.09
C VAL A 178 -6.18 -8.71 -5.53
N TYR A 179 -5.58 -7.60 -5.95
CA TYR A 179 -6.04 -6.29 -5.48
C TYR A 179 -7.47 -6.12 -5.93
N ALA A 180 -7.75 -6.56 -7.16
CA ALA A 180 -9.09 -6.46 -7.72
C ALA A 180 -10.07 -7.31 -6.91
N GLU A 181 -9.66 -8.51 -6.52
CA GLU A 181 -10.56 -9.38 -5.73
C GLU A 181 -10.83 -8.80 -4.35
N LEU A 182 -9.83 -8.20 -3.73
CA LEU A 182 -10.00 -7.65 -2.40
C LEU A 182 -10.98 -6.48 -2.39
N ALA A 183 -10.93 -5.67 -3.43
CA ALA A 183 -11.79 -4.50 -3.55
C ALA A 183 -13.24 -4.92 -3.75
N ALA A 184 -13.44 -5.92 -4.60
CA ALA A 184 -14.79 -6.42 -4.88
C ALA A 184 -15.42 -6.95 -3.59
N GLN A 185 -14.63 -7.63 -2.77
CA GLN A 185 -15.17 -8.19 -1.54
C GLN A 185 -15.05 -7.22 -0.36
N GLY A 186 -14.61 -6.00 -0.63
CA GLY A 186 -14.45 -4.99 0.41
C GLY A 186 -13.63 -5.39 1.62
N TRP A 187 -12.48 -6.01 1.39
CA TRP A 187 -11.56 -6.48 2.45
C TRP A 187 -11.05 -5.36 3.35
N GLY A 188 -11.18 -5.54 4.66
CA GLY A 188 -10.73 -4.54 5.62
C GLY A 188 -11.48 -3.22 5.63
N GLY A 189 -12.53 -3.09 4.84
CA GLY A 189 -13.28 -1.84 4.79
C GLY A 189 -13.83 -1.65 3.41
N ARG A 190 -14.43 -0.50 3.09
CA ARG A 190 -14.93 -0.36 1.73
C ARG A 190 -13.88 0.16 0.74
N TRP A 191 -13.97 -0.32 -0.50
CA TRP A 191 -13.05 0.04 -1.58
C TRP A 191 -13.67 0.83 -2.72
N LEU A 192 -12.84 1.64 -3.36
CA LEU A 192 -13.24 2.43 -4.51
C LEU A 192 -12.16 2.19 -5.56
N VAL A 193 -12.54 1.56 -6.67
CA VAL A 193 -11.57 1.30 -7.73
C VAL A 193 -11.68 2.44 -8.76
N VAL A 194 -10.66 3.29 -8.77
CA VAL A 194 -10.58 4.43 -9.67
C VAL A 194 -9.72 4.13 -10.89
N GLY A 195 -8.97 5.14 -11.33
CA GLY A 195 -8.09 4.97 -12.47
C GLY A 195 -7.12 6.13 -12.55
N ALA A 196 -6.18 6.04 -13.49
CA ALA A 196 -5.16 7.07 -13.68
C ALA A 196 -5.82 8.42 -14.00
N ASP A 197 -6.88 8.36 -14.78
CA ASP A 197 -7.61 9.55 -15.19
C ASP A 197 -8.66 9.96 -14.17
N VAL A 198 -8.52 9.49 -12.94
CA VAL A 198 -9.48 9.83 -11.90
C VAL A 198 -9.33 11.29 -11.54
N ASP A 199 -10.46 11.98 -11.40
CA ASP A 199 -10.44 13.39 -11.05
C ASP A 199 -10.33 13.53 -9.54
N PRO A 200 -9.19 14.00 -9.06
CA PRO A 200 -8.97 14.18 -7.62
C PRO A 200 -10.12 14.93 -6.94
N GLY A 201 -10.51 16.05 -7.55
CA GLY A 201 -11.58 16.86 -7.01
C GLY A 201 -12.79 16.07 -6.60
N ARG A 202 -13.29 15.23 -7.53
CA ARG A 202 -14.44 14.39 -7.25
C ARG A 202 -14.06 13.30 -6.27
N LEU A 203 -13.11 12.46 -6.66
CA LEU A 203 -12.64 11.38 -5.80
C LEU A 203 -12.69 11.82 -4.33
N ALA A 204 -12.21 13.02 -4.05
CA ALA A 204 -12.21 13.54 -2.69
C ALA A 204 -13.65 13.83 -2.21
N ALA A 205 -14.52 14.18 -3.15
CA ALA A 205 -15.93 14.46 -2.85
C ALA A 205 -16.62 13.15 -2.52
N THR A 206 -16.08 12.06 -3.07
CA THR A 206 -16.64 10.75 -2.82
C THR A 206 -16.20 10.28 -1.44
N LEU A 207 -14.97 10.64 -1.05
CA LEU A 207 -14.44 10.25 0.25
C LEU A 207 -14.98 11.11 1.38
N ALA A 208 -16.23 10.87 1.76
CA ALA A 208 -16.86 11.60 2.85
C ALA A 208 -17.18 10.68 4.04
S SO4 B . 16.72 -1.45 -12.75
O1 SO4 B . 16.66 -1.41 -11.27
O2 SO4 B . 17.81 -0.59 -13.20
O3 SO4 B . 16.97 -2.84 -13.17
O4 SO4 B . 15.44 -1.00 -13.32
S SO4 C . 3.57 4.29 -7.16
O1 SO4 C . 3.74 5.41 -6.23
O2 SO4 C . 2.22 3.72 -7.04
O3 SO4 C . 4.56 3.25 -6.84
O4 SO4 C . 3.76 4.75 -8.55
MG MG D . 7.89 -0.50 -4.89
N1B T5A E . 4.83 -4.22 0.46
C6B T5A E . 4.61 -2.98 1.04
C2B T5A E . 4.31 -5.40 0.97
O2B T5A E . 4.49 -6.56 0.52
N3B T5A E . 3.55 -5.21 2.12
C4B T5A E . 3.28 -3.99 2.78
O4B T5A E . 2.57 -3.94 3.84
C5B T5A E . 3.87 -2.81 2.15
C7B T5A E . 3.62 -1.45 2.81
C5E T5A E . 8.16 -1.80 -1.40
C4E T5A E . 7.50 -3.17 -1.62
O4E T5A E . 6.89 -3.57 -0.37
C1E T5A E . 5.66 -4.28 -0.73
C2E T5A E . 5.20 -3.48 -1.98
C3E T5A E . 6.47 -3.11 -2.72
O3E T5A E . 6.83 -4.03 -3.74
PA T5A E . 6.86 0.40 -1.89
O1A T5A E . 6.57 1.59 -1.12
O2A T5A E . 5.84 -0.01 -2.86
O5E T5A E . 7.19 -0.93 -0.97
O3A T5A E . 7.84 0.67 -2.85
PB T5A E . 9.37 1.27 -2.87
O1B T5A E . 10.02 0.88 -4.16
O2X T5A E . 10.05 0.80 -1.63
O3B T5A E . 9.14 2.79 -2.62
PC T5A E . 9.52 4.07 -3.29
O1C T5A E . 8.40 4.45 -4.15
O2C T5A E . 9.93 4.98 -2.23
O3C T5A E . 10.87 3.69 -4.13
PD T5A E . 12.25 4.48 -4.60
O1D T5A E . 11.88 5.80 -5.21
O2D T5A E . 12.95 3.43 -5.35
O3D T5A E . 12.97 4.96 -3.24
PE T5A E . 14.15 4.43 -2.24
O1E T5A E . 15.39 4.16 -3.03
O2E T5A E . 14.19 5.53 -1.25
O5F T5A E . 13.48 3.17 -1.62
C5F T5A E . 14.14 1.89 -1.54
C4F T5A E . 14.50 1.46 -0.15
O4F T5A E . 15.10 0.18 -0.29
C1F T5A E . 16.43 0.09 0.28
C2F T5A E . 16.47 1.24 1.28
O2F T5A E . 16.00 0.70 2.51
C3F T5A E . 15.58 2.35 0.63
O3F T5A E . 14.82 3.09 1.60
N9A T5A E . 17.53 0.30 -0.70
C4A T5A E . 18.78 -0.30 -0.64
N3A T5A E . 19.22 -1.20 0.33
C2A T5A E . 20.50 -1.61 0.11
N1A T5A E . 21.32 -1.22 -0.93
C6A T5A E . 20.86 -0.33 -1.88
N6A T5A E . 21.71 -0.02 -2.84
C5A T5A E . 19.50 0.16 -1.74
N7A T5A E . 18.72 1.03 -2.46
C8A T5A E . 17.58 1.08 -1.83
#